data_3DN5
#
_entry.id   3DN5
#
_cell.length_a   40.290
_cell.length_b   47.155
_cell.length_c   47.330
_cell.angle_alpha   75.85
_cell.angle_beta   67.48
_cell.angle_gamma   76.59
#
_symmetry.space_group_name_H-M   'P 1'
#
loop_
_entity.id
_entity.type
_entity.pdbx_description
1 polymer 'Aldose reductase'
2 non-polymer 'NADP NICOTINAMIDE-ADENINE-DINUCLEOTIDE PHOSPHATE'
3 non-polymer '3-[5-(3-nitrophenyl)thiophen-2-yl]propanoic acid'
4 water water
#
_entity_poly.entity_id   1
_entity_poly.type   'polypeptide(L)'
_entity_poly.pdbx_seq_one_letter_code
;MASRILLNNGAKMPILGLGTWKSPPGQVTEAVKVAIDVGYRHIDCAHVYQNENEVGVAIQEKLREQVVKREELFIVSKLW
CTYHEKGLVKGACQKTLSDLKLDYLDLYLIHWPTGFKPGKEFFPLDESGNVVPSDTNILDTWAAMEELVDEGLVKAIGIS
NFNHLQVEMILNKPGLKYKPAVNQIECHPYLTQEKLIQYCQSKGIVVTAYSPLGSPDRPWAKPEDPSLLEDPRIKAIAAK
HNKTTAQVLIRFPMQRNLVVIPKSVTPERIAENFKVFDFELSSQDMTTLLSYNRNWRVCALLSCTSHKDYPFHEEF
;
_entity_poly.pdbx_strand_id   A
#
loop_
_chem_comp.id
_chem_comp.type
_chem_comp.name
_chem_comp.formula
53N non-polymer '3-[5-(3-nitrophenyl)thiophen-2-yl]propanoic acid' 'C13 H11 N O4 S'
NAP non-polymer 'NADP NICOTINAMIDE-ADENINE-DINUCLEOTIDE PHOSPHATE' 'C21 H28 N7 O17 P3'
#
# COMPACT_ATOMS: atom_id res chain seq x y z
N ALA A 2 -9.62 -5.41 17.41
CA ALA A 2 -8.47 -6.27 17.06
C ALA A 2 -7.52 -5.59 16.10
N SER A 3 -6.24 -5.71 16.45
CA SER A 3 -5.20 -4.93 15.81
C SER A 3 -4.68 -5.60 14.57
N ARG A 4 -4.86 -6.90 14.39
CA ARG A 4 -4.29 -7.63 13.25
C ARG A 4 -5.38 -8.44 12.54
N ILE A 5 -5.18 -8.75 11.27
CA ILE A 5 -6.05 -9.57 10.44
C ILE A 5 -5.25 -10.76 9.94
N LEU A 6 -5.91 -11.90 9.92
CA LEU A 6 -5.35 -13.16 9.47
C LEU A 6 -5.24 -13.22 7.93
N LEU A 7 -4.02 -13.47 7.42
CA LEU A 7 -3.78 -13.74 6.04
C LEU A 7 -3.85 -15.22 5.71
N ASN A 8 -3.94 -15.50 4.42
CA ASN A 8 -4.04 -16.89 3.96
C ASN A 8 -2.79 -17.75 4.14
N ASN A 9 -1.74 -17.17 4.67
CA ASN A 9 -0.49 -17.88 4.95
C ASN A 9 -0.40 -18.16 6.44
N GLY A 10 -1.46 -17.89 7.21
CA GLY A 10 -1.42 -18.10 8.65
C GLY A 10 -0.80 -16.99 9.47
N ALA A 11 -0.26 -15.95 8.83
CA ALA A 11 0.32 -14.84 9.58
C ALA A 11 -0.70 -13.75 9.84
N LYS A 12 -0.41 -12.90 10.83
CA LYS A 12 -1.32 -11.82 11.20
C LYS A 12 -0.71 -10.51 10.77
N MET A 13 -1.50 -9.68 10.12
CA MET A 13 -1.05 -8.41 9.55
C MET A 13 -1.65 -7.24 10.32
N PRO A 14 -0.82 -6.33 10.84
CA PRO A 14 -1.43 -5.17 11.54
C PRO A 14 -2.30 -4.34 10.60
N ILE A 15 -3.50 -4.00 11.10
CA ILE A 15 -4.46 -3.29 10.24
C ILE A 15 -4.12 -1.81 10.05
N LEU A 16 -3.22 -1.30 10.90
CA LEU A 16 -2.77 0.08 10.72
C LEU A 16 -1.27 0.09 10.44
N GLY A 17 -0.82 0.64 9.32
CA GLY A 17 0.59 0.73 9.04
C GLY A 17 1.00 2.14 8.67
N LEU A 18 2.28 2.36 8.58
CA LEU A 18 2.81 3.67 8.17
C LEU A 18 3.24 3.65 6.70
N GLY A 19 2.67 4.55 5.93
CA GLY A 19 3.06 4.80 4.54
C GLY A 19 4.39 5.55 4.43
N THR A 20 5.12 5.28 3.32
CA THR A 20 6.38 5.96 3.14
C THR A 20 6.56 6.55 1.75
N TRP A 21 5.57 6.54 0.88
CA TRP A 21 5.70 7.26 -0.40
C TRP A 21 5.82 8.76 -0.16
N LYS A 22 6.87 9.38 -0.75
CA LYS A 22 7.14 10.81 -0.65
C LYS A 22 7.63 11.14 0.76
N SER A 23 8.04 10.14 1.54
CA SER A 23 8.73 10.51 2.80
C SER A 23 10.18 10.75 2.44
N PRO A 24 10.70 11.97 2.51
CA PRO A 24 12.09 12.17 2.02
C PRO A 24 13.09 11.39 2.87
N PRO A 25 14.15 10.90 2.23
CA PRO A 25 15.17 10.17 2.96
C PRO A 25 15.75 11.03 4.10
N GLY A 26 15.71 12.35 3.96
CA GLY A 26 16.26 13.21 4.99
C GLY A 26 15.38 13.24 6.23
N GLN A 27 14.14 12.73 6.10
CA GLN A 27 13.14 12.79 7.15
C GLN A 27 12.52 11.47 7.55
N VAL A 28 12.69 10.39 6.78
CA VAL A 28 11.92 9.17 6.96
C VAL A 28 12.49 8.32 8.11
N THR A 29 13.78 8.42 8.35
CA THR A 29 14.35 7.65 9.46
C THR A 29 13.70 8.06 10.77
N GLU A 30 13.58 9.38 10.97
CA GLU A 30 12.96 9.86 12.21
CA GLU A 30 12.96 9.84 12.21
C GLU A 30 11.49 9.44 12.25
N ALA A 31 10.85 9.46 11.10
CA ALA A 31 9.42 9.12 11.05
C ALA A 31 9.17 7.71 11.52
N VAL A 32 9.99 6.82 10.97
CA VAL A 32 9.84 5.41 11.32
C VAL A 32 10.19 5.17 12.79
N LYS A 33 11.24 5.84 13.29
CA LYS A 33 11.59 5.68 14.71
C LYS A 33 10.42 6.04 15.61
N VAL A 34 9.85 7.22 15.34
CA VAL A 34 8.71 7.70 16.15
C VAL A 34 7.52 6.76 15.99
N ALA A 35 7.26 6.26 14.78
CA ALA A 35 6.11 5.41 14.49
C ALA A 35 6.27 4.18 15.37
N ILE A 36 7.48 3.60 15.34
CA ILE A 36 7.68 2.38 16.17
C ILE A 36 7.52 2.68 17.63
N ASP A 37 8.06 3.78 18.16
CA ASP A 37 7.85 4.18 19.54
C ASP A 37 6.37 4.29 19.94
N VAL A 38 5.53 4.85 19.04
CA VAL A 38 4.13 5.03 19.44
C VAL A 38 3.23 3.87 19.07
N GLY A 39 3.73 2.80 18.50
CA GLY A 39 3.01 1.55 18.37
C GLY A 39 2.85 0.95 17.01
N TYR A 40 3.33 1.65 15.99
CA TYR A 40 3.20 1.04 14.66
C TYR A 40 4.09 -0.20 14.54
N ARG A 41 3.57 -1.19 13.86
CA ARG A 41 4.37 -2.42 13.70
C ARG A 41 4.42 -2.82 12.23
N HIS A 42 3.68 -2.13 11.41
CA HIS A 42 3.54 -2.38 9.97
C HIS A 42 4.07 -1.11 9.28
N ILE A 43 5.02 -1.30 8.38
CA ILE A 43 5.54 -0.25 7.54
C ILE A 43 5.36 -0.65 6.08
N ASP A 44 4.78 0.24 5.26
CA ASP A 44 4.60 -0.01 3.83
C ASP A 44 5.70 0.69 3.06
N CYS A 45 6.50 -0.11 2.33
CA CYS A 45 7.65 0.43 1.60
C CYS A 45 7.54 0.15 0.13
N ALA A 46 8.48 0.73 -0.64
CA ALA A 46 8.66 0.29 -2.02
C ALA A 46 10.02 0.68 -2.55
N HIS A 47 10.61 -0.14 -3.43
CA HIS A 47 11.89 0.28 -4.04
C HIS A 47 11.77 1.62 -4.74
N VAL A 48 10.65 1.84 -5.42
CA VAL A 48 10.50 3.06 -6.22
C VAL A 48 10.44 4.28 -5.32
N TYR A 49 10.15 4.15 -4.02
CA TYR A 49 10.07 5.32 -3.15
C TYR A 49 11.47 5.87 -2.84
N GLN A 50 12.53 5.14 -3.13
CA GLN A 50 13.91 5.64 -3.08
C GLN A 50 14.33 6.04 -1.67
N ASN A 51 13.73 5.42 -0.67
CA ASN A 51 14.04 5.70 0.73
C ASN A 51 14.15 4.43 1.58
N GLU A 52 14.26 3.25 0.92
CA GLU A 52 14.26 2.03 1.72
C GLU A 52 15.50 1.92 2.59
N ASN A 53 16.65 2.45 2.12
CA ASN A 53 17.81 2.46 2.99
C ASN A 53 17.50 3.21 4.30
N GLU A 54 16.88 4.37 4.19
CA GLU A 54 16.65 5.16 5.42
C GLU A 54 15.54 4.57 6.29
N VAL A 55 14.58 3.85 5.70
CA VAL A 55 13.64 3.09 6.50
C VAL A 55 14.38 2.01 7.26
N GLY A 56 15.29 1.33 6.54
CA GLY A 56 16.05 0.24 7.12
C GLY A 56 16.91 0.73 8.28
N VAL A 57 17.50 1.92 8.20
CA VAL A 57 18.26 2.51 9.27
C VAL A 57 17.43 2.62 10.55
N ALA A 58 16.20 3.06 10.41
CA ALA A 58 15.30 3.26 11.53
C ALA A 58 15.00 1.91 12.18
N ILE A 59 14.64 0.94 11.35
CA ILE A 59 14.30 -0.37 11.89
C ILE A 59 15.52 -0.94 12.62
N GLN A 60 16.67 -0.84 11.97
CA GLN A 60 17.84 -1.51 12.60
C GLN A 60 18.13 -0.92 13.97
N GLU A 61 17.93 0.39 14.03
CA GLU A 61 18.21 1.07 15.27
C GLU A 61 17.26 0.66 16.39
N LYS A 62 15.98 0.61 16.10
CA LYS A 62 15.01 0.25 17.15
C LYS A 62 15.16 -1.23 17.52
N LEU A 63 15.63 -2.03 16.55
CA LEU A 63 15.98 -3.41 16.95
C LEU A 63 17.16 -3.33 17.93
N ARG A 64 18.17 -2.53 17.62
CA ARG A 64 19.35 -2.38 18.46
C ARG A 64 19.05 -1.75 19.81
N GLU A 65 17.99 -0.93 19.85
CA GLU A 65 17.64 -0.33 21.15
CA GLU A 65 17.57 -0.32 21.11
C GLU A 65 16.79 -1.29 21.99
N GLN A 66 16.35 -2.42 21.40
CA GLN A 66 15.58 -3.41 22.14
C GLN A 66 14.15 -2.92 22.37
N VAL A 67 13.66 -2.12 21.41
CA VAL A 67 12.33 -1.53 21.49
C VAL A 67 11.29 -2.49 20.95
N VAL A 68 11.66 -3.22 19.90
CA VAL A 68 10.85 -4.19 19.19
C VAL A 68 11.73 -5.36 18.75
N LYS A 69 11.08 -6.49 18.50
CA LYS A 69 11.68 -7.68 17.95
C LYS A 69 11.31 -7.79 16.47
N ARG A 70 12.17 -8.37 15.63
CA ARG A 70 11.85 -8.55 14.23
C ARG A 70 10.49 -9.21 14.01
N GLU A 71 10.17 -10.23 14.78
CA GLU A 71 8.96 -11.01 14.63
CA GLU A 71 8.97 -11.02 14.65
C GLU A 71 7.71 -10.18 14.86
N GLU A 72 7.87 -9.09 15.61
CA GLU A 72 6.73 -8.24 15.90
C GLU A 72 6.45 -7.24 14.78
N LEU A 73 7.40 -7.09 13.88
CA LEU A 73 7.25 -6.13 12.79
C LEU A 73 6.66 -6.82 11.55
N PHE A 74 5.95 -6.06 10.76
CA PHE A 74 5.30 -6.50 9.52
C PHE A 74 5.76 -5.55 8.43
N ILE A 75 6.80 -5.96 7.68
CA ILE A 75 7.41 -5.09 6.68
C ILE A 75 6.99 -5.51 5.26
N VAL A 76 6.44 -4.51 4.55
CA VAL A 76 5.88 -4.74 3.20
C VAL A 76 6.71 -3.99 2.20
N SER A 77 7.06 -4.65 1.09
CA SER A 77 7.64 -3.84 0.03
C SER A 77 7.03 -4.30 -1.30
N LYS A 78 7.46 -3.73 -2.45
CA LYS A 78 6.78 -3.95 -3.71
C LYS A 78 7.79 -4.03 -4.86
N LEU A 79 7.51 -4.95 -5.78
CA LEU A 79 8.32 -5.14 -6.97
C LEU A 79 8.01 -4.05 -7.98
N TRP A 80 8.99 -3.23 -8.40
CA TRP A 80 8.64 -2.15 -9.33
C TRP A 80 8.41 -2.65 -10.74
N CYS A 81 7.76 -1.88 -11.60
CA CYS A 81 7.27 -2.21 -12.91
C CYS A 81 8.38 -2.60 -13.89
N THR A 82 9.57 -2.06 -13.70
CA THR A 82 10.69 -2.37 -14.58
C THR A 82 11.38 -3.71 -14.28
N TYR A 83 10.87 -4.42 -13.29
CA TYR A 83 11.47 -5.68 -12.89
C TYR A 83 10.49 -6.85 -13.05
N HIS A 84 9.52 -6.78 -13.99
CA HIS A 84 8.54 -7.89 -14.06
C HIS A 84 9.09 -9.15 -14.74
N GLU A 85 10.15 -9.02 -15.53
CA GLU A 85 10.74 -10.21 -16.15
C GLU A 85 11.12 -11.26 -15.10
N LYS A 86 10.82 -12.52 -15.33
CA LYS A 86 11.11 -13.58 -14.35
C LYS A 86 12.56 -13.52 -13.85
N GLY A 87 13.51 -13.27 -14.76
CA GLY A 87 14.93 -13.21 -14.46
C GLY A 87 15.31 -12.04 -13.57
N LEU A 88 14.42 -11.05 -13.42
CA LEU A 88 14.81 -9.86 -12.66
C LEU A 88 14.18 -9.81 -11.26
N VAL A 89 13.22 -10.69 -11.00
CA VAL A 89 12.41 -10.53 -9.78
C VAL A 89 13.23 -10.78 -8.51
N LYS A 90 14.02 -11.85 -8.51
CA LYS A 90 14.77 -12.13 -7.28
C LYS A 90 15.76 -11.03 -6.93
N GLY A 91 16.50 -10.54 -7.93
CA GLY A 91 17.45 -9.46 -7.69
C GLY A 91 16.73 -8.22 -7.17
N ALA A 92 15.57 -7.90 -7.69
CA ALA A 92 14.79 -6.77 -7.19
C ALA A 92 14.42 -6.94 -5.72
N CYS A 93 13.99 -8.15 -5.36
CA CYS A 93 13.61 -8.39 -3.98
C CYS A 93 14.85 -8.28 -3.09
N GLN A 94 15.96 -8.84 -3.59
CA GLN A 94 17.16 -8.86 -2.74
C GLN A 94 17.72 -7.46 -2.57
N LYS A 95 17.57 -6.60 -3.59
CA LYS A 95 17.98 -5.20 -3.38
C LYS A 95 17.16 -4.51 -2.28
N THR A 96 15.86 -4.74 -2.32
CA THR A 96 14.98 -4.26 -1.23
C THR A 96 15.42 -4.82 0.13
N LEU A 97 15.64 -6.13 0.19
CA LEU A 97 16.07 -6.69 1.48
C LEU A 97 17.38 -6.07 1.97
N SER A 98 18.31 -5.85 1.03
CA SER A 98 19.63 -5.29 1.38
C SER A 98 19.46 -3.87 1.90
N ASP A 99 18.66 -3.08 1.17
CA ASP A 99 18.44 -1.69 1.57
C ASP A 99 17.76 -1.61 2.93
N LEU A 100 16.75 -2.45 3.13
CA LEU A 100 16.03 -2.45 4.41
C LEU A 100 16.81 -3.15 5.54
N LYS A 101 17.95 -3.76 5.21
CA LYS A 101 18.77 -4.50 6.18
C LYS A 101 18.02 -5.66 6.81
N LEU A 102 17.14 -6.28 6.03
CA LEU A 102 16.34 -7.41 6.49
C LEU A 102 16.70 -8.73 5.81
N ASP A 103 16.29 -9.85 6.45
CA ASP A 103 16.56 -11.14 5.82
C ASP A 103 15.28 -11.79 5.29
N TYR A 104 14.12 -11.16 5.53
CA TYR A 104 12.88 -11.51 4.89
C TYR A 104 11.93 -10.30 4.92
N LEU A 105 10.99 -10.31 3.99
CA LEU A 105 9.85 -9.42 4.03
C LEU A 105 8.61 -10.15 4.53
N ASP A 106 7.71 -9.49 5.24
CA ASP A 106 6.46 -10.14 5.64
C ASP A 106 5.53 -10.25 4.44
N LEU A 107 5.62 -9.31 3.52
CA LEU A 107 4.70 -9.28 2.36
C LEU A 107 5.38 -8.59 1.20
N TYR A 108 5.33 -9.17 0.03
CA TYR A 108 5.95 -8.54 -1.13
C TYR A 108 4.86 -8.46 -2.21
N LEU A 109 4.66 -7.27 -2.74
CA LEU A 109 3.56 -7.09 -3.68
C LEU A 109 4.02 -6.81 -5.10
N ILE A 110 3.32 -7.26 -6.11
CA ILE A 110 3.55 -6.69 -7.47
C ILE A 110 2.95 -5.29 -7.44
N HIS A 111 3.80 -4.27 -7.59
CA HIS A 111 3.33 -2.91 -7.33
C HIS A 111 2.21 -2.44 -8.25
N TRP A 112 2.33 -2.77 -9.53
CA TRP A 112 1.32 -2.45 -10.56
C TRP A 112 1.25 -3.63 -11.51
N PRO A 113 0.12 -3.90 -12.14
CA PRO A 113 0.04 -5.03 -13.08
C PRO A 113 0.83 -4.79 -14.36
N THR A 114 1.23 -3.55 -14.62
CA THR A 114 1.90 -3.13 -15.84
C THR A 114 3.41 -3.31 -15.76
N GLY A 115 3.95 -4.19 -16.62
CA GLY A 115 5.40 -4.18 -16.75
C GLY A 115 5.92 -3.10 -17.68
N PHE A 116 7.05 -2.49 -17.28
CA PHE A 116 7.75 -1.49 -18.05
C PHE A 116 9.10 -1.98 -18.55
N LYS A 117 9.55 -1.42 -19.65
CA LYS A 117 10.86 -1.72 -20.19
C LYS A 117 11.92 -1.69 -19.11
N PRO A 118 12.71 -2.77 -19.05
CA PRO A 118 13.77 -2.80 -18.05
C PRO A 118 14.82 -1.73 -18.35
N GLY A 119 15.42 -1.18 -17.32
CA GLY A 119 16.48 -0.19 -17.40
C GLY A 119 16.52 0.65 -16.12
N LYS A 120 17.42 1.63 -16.12
CA LYS A 120 17.64 2.42 -14.89
C LYS A 120 16.42 3.28 -14.61
N GLU A 121 15.76 3.83 -15.63
CA GLU A 121 14.63 4.74 -15.47
C GLU A 121 13.41 4.05 -14.87
N PHE A 122 12.73 4.67 -13.91
CA PHE A 122 11.58 4.03 -13.29
C PHE A 122 10.32 4.12 -14.14
N PHE A 123 10.24 5.21 -14.91
CA PHE A 123 9.14 5.45 -15.84
C PHE A 123 9.72 5.77 -17.23
N PRO A 124 10.12 4.73 -17.93
CA PRO A 124 10.68 4.95 -19.28
C PRO A 124 9.58 5.40 -20.21
N LEU A 125 9.76 6.55 -20.85
CA LEU A 125 8.78 7.06 -21.79
C LEU A 125 9.36 7.16 -23.20
N ASP A 126 8.44 7.12 -24.19
CA ASP A 126 9.06 7.27 -25.52
C ASP A 126 9.17 8.76 -25.79
N GLU A 127 9.55 9.18 -26.99
CA GLU A 127 9.75 10.62 -27.20
C GLU A 127 8.44 11.39 -27.14
N SER A 128 7.33 10.66 -27.23
CA SER A 128 6.03 11.30 -27.15
CA SER A 128 6.02 11.31 -27.15
C SER A 128 5.34 11.14 -25.80
N GLY A 129 6.02 10.73 -24.75
CA GLY A 129 5.36 10.68 -23.43
C GLY A 129 4.61 9.39 -23.10
N ASN A 130 4.52 8.39 -23.98
CA ASN A 130 3.84 7.16 -23.62
C ASN A 130 4.74 6.24 -22.81
N VAL A 131 4.29 5.45 -21.81
CA VAL A 131 5.22 4.57 -21.14
C VAL A 131 5.67 3.49 -22.12
N VAL A 132 6.92 3.04 -22.01
CA VAL A 132 7.41 1.93 -22.82
C VAL A 132 7.16 0.63 -22.08
N PRO A 133 6.26 -0.20 -22.56
CA PRO A 133 5.98 -1.44 -21.82
C PRO A 133 7.09 -2.48 -21.93
N SER A 134 7.00 -3.51 -21.08
CA SER A 134 7.82 -4.70 -21.35
C SER A 134 6.90 -5.86 -21.81
N ASP A 135 7.49 -6.85 -22.45
CA ASP A 135 6.78 -8.03 -22.90
C ASP A 135 6.77 -9.06 -21.76
N THR A 136 6.08 -8.63 -20.72
CA THR A 136 5.80 -9.46 -19.56
C THR A 136 4.30 -9.56 -19.31
N ASN A 137 3.90 -10.59 -18.59
CA ASN A 137 2.48 -10.82 -18.31
C ASN A 137 2.34 -11.11 -16.81
N ILE A 138 1.12 -10.95 -16.35
CA ILE A 138 0.83 -11.10 -14.93
C ILE A 138 1.18 -12.51 -14.44
N LEU A 139 0.83 -13.55 -15.24
CA LEU A 139 1.01 -14.92 -14.71
C LEU A 139 2.47 -15.28 -14.55
N ASP A 140 3.35 -14.90 -15.48
CA ASP A 140 4.75 -15.28 -15.33
C ASP A 140 5.39 -14.47 -14.22
N THR A 141 4.97 -13.20 -14.06
CA THR A 141 5.48 -12.42 -12.92
C THR A 141 5.00 -13.07 -11.64
N TRP A 142 3.75 -13.51 -11.58
CA TRP A 142 3.26 -14.13 -10.34
C TRP A 142 4.10 -15.38 -9.99
N ALA A 143 4.40 -16.19 -10.99
CA ALA A 143 5.18 -17.42 -10.81
C ALA A 143 6.54 -17.07 -10.20
N ALA A 144 7.13 -15.98 -10.65
CA ALA A 144 8.39 -15.51 -10.07
C ALA A 144 8.27 -15.05 -8.63
N MET A 145 7.15 -14.41 -8.31
CA MET A 145 6.87 -14.05 -6.91
C MET A 145 6.77 -15.30 -6.03
N GLU A 146 6.11 -16.34 -6.56
CA GLU A 146 5.93 -17.59 -5.82
C GLU A 146 7.28 -18.14 -5.41
N GLU A 147 8.25 -18.03 -6.32
CA GLU A 147 9.57 -18.58 -6.04
C GLU A 147 10.19 -17.87 -4.83
N LEU A 148 9.85 -16.61 -4.62
CA LEU A 148 10.43 -15.87 -3.46
C LEU A 148 9.98 -16.47 -2.13
N VAL A 149 8.72 -16.94 -2.10
CA VAL A 149 8.20 -17.63 -0.93
C VAL A 149 8.96 -18.93 -0.77
N ASP A 150 9.10 -19.67 -1.89
CA ASP A 150 9.69 -21.01 -1.69
C ASP A 150 11.16 -20.94 -1.34
N GLU A 151 11.81 -19.80 -1.53
CA GLU A 151 13.22 -19.60 -1.14
C GLU A 151 13.38 -18.91 0.20
N GLY A 152 12.27 -18.55 0.83
CA GLY A 152 12.33 -17.97 2.16
C GLY A 152 12.63 -16.47 2.20
N LEU A 153 12.62 -15.78 1.06
CA LEU A 153 12.89 -14.37 1.05
C LEU A 153 11.70 -13.56 1.54
N VAL A 154 10.51 -14.12 1.33
CA VAL A 154 9.27 -13.40 1.70
C VAL A 154 8.29 -14.40 2.29
N LYS A 155 7.50 -13.93 3.25
CA LYS A 155 6.55 -14.83 3.93
C LYS A 155 5.23 -14.91 3.22
N ALA A 156 4.88 -13.89 2.45
CA ALA A 156 3.59 -13.77 1.78
C ALA A 156 3.80 -12.90 0.52
N ILE A 157 3.01 -13.20 -0.48
CA ILE A 157 3.01 -12.38 -1.71
C ILE A 157 1.59 -11.93 -2.00
N GLY A 158 1.52 -10.79 -2.72
CA GLY A 158 0.25 -10.21 -3.05
C GLY A 158 0.45 -9.29 -4.25
N ILE A 159 -0.60 -8.53 -4.52
CA ILE A 159 -0.68 -7.64 -5.67
C ILE A 159 -1.17 -6.28 -5.24
N SER A 160 -1.05 -5.32 -6.14
CA SER A 160 -1.49 -3.94 -5.89
C SER A 160 -1.99 -3.34 -7.19
N ASN A 161 -3.09 -2.59 -7.09
CA ASN A 161 -3.69 -1.95 -8.27
C ASN A 161 -4.11 -2.97 -9.32
N PHE A 162 -4.51 -4.18 -8.93
CA PHE A 162 -5.08 -5.16 -9.81
C PHE A 162 -6.60 -5.02 -9.80
N ASN A 163 -7.22 -5.04 -10.98
CA ASN A 163 -8.69 -5.06 -11.11
C ASN A 163 -9.16 -6.48 -10.89
N HIS A 164 -10.48 -6.65 -10.74
CA HIS A 164 -10.94 -8.01 -10.36
C HIS A 164 -10.64 -9.06 -11.44
N LEU A 165 -10.63 -8.66 -12.73
CA LEU A 165 -10.32 -9.66 -13.76
C LEU A 165 -8.84 -10.06 -13.67
N GLN A 166 -7.96 -9.13 -13.32
CA GLN A 166 -6.53 -9.40 -13.17
C GLN A 166 -6.31 -10.29 -11.94
N VAL A 167 -7.03 -10.00 -10.85
CA VAL A 167 -6.95 -10.93 -9.73
C VAL A 167 -7.41 -12.34 -10.14
N GLU A 168 -8.54 -12.39 -10.84
CA GLU A 168 -9.09 -13.67 -11.29
C GLU A 168 -8.09 -14.45 -12.12
N MET A 169 -7.27 -13.74 -12.91
CA MET A 169 -6.29 -14.41 -13.78
C MET A 169 -5.32 -15.23 -12.95
N ILE A 170 -4.83 -14.60 -11.88
CA ILE A 170 -3.94 -15.32 -10.98
C ILE A 170 -4.70 -16.45 -10.31
N LEU A 171 -5.88 -16.17 -9.77
CA LEU A 171 -6.60 -17.22 -9.06
C LEU A 171 -6.82 -18.46 -9.91
N ASN A 172 -7.03 -18.23 -11.20
CA ASN A 172 -7.40 -19.34 -12.09
C ASN A 172 -6.20 -19.94 -12.78
N LYS A 173 -5.03 -19.45 -12.38
CA LYS A 173 -3.79 -19.88 -13.04
C LYS A 173 -3.57 -21.37 -12.90
N PRO A 174 -3.34 -22.10 -13.99
CA PRO A 174 -2.96 -23.49 -13.86
C PRO A 174 -1.71 -23.70 -13.01
N GLY A 175 -1.76 -24.64 -12.07
CA GLY A 175 -0.55 -24.86 -11.26
C GLY A 175 -0.23 -23.75 -10.29
N LEU A 176 -1.21 -22.90 -9.97
CA LEU A 176 -1.05 -21.90 -8.92
C LEU A 176 -0.43 -22.50 -7.65
N LYS A 177 0.57 -21.82 -7.08
CA LYS A 177 1.17 -22.36 -5.86
C LYS A 177 0.73 -21.62 -4.60
N TYR A 178 0.68 -20.31 -4.68
CA TYR A 178 0.20 -19.45 -3.62
C TYR A 178 -0.88 -18.51 -4.11
N LYS A 179 -2.05 -18.44 -3.45
CA LYS A 179 -2.97 -17.35 -3.77
C LYS A 179 -2.39 -16.03 -3.25
N PRO A 180 -2.74 -14.94 -3.91
CA PRO A 180 -2.38 -13.62 -3.37
C PRO A 180 -3.01 -13.44 -1.98
N ALA A 181 -2.21 -12.91 -1.08
CA ALA A 181 -2.67 -12.73 0.28
C ALA A 181 -3.42 -11.40 0.46
N VAL A 182 -3.01 -10.42 -0.35
CA VAL A 182 -3.38 -9.02 -0.26
C VAL A 182 -3.53 -8.39 -1.63
N ASN A 183 -4.50 -7.51 -1.78
CA ASN A 183 -4.56 -6.56 -2.94
C ASN A 183 -4.52 -5.18 -2.33
N GLN A 184 -3.49 -4.42 -2.57
CA GLN A 184 -3.41 -3.06 -2.03
C GLN A 184 -3.91 -2.10 -3.09
N ILE A 185 -4.96 -1.36 -2.76
CA ILE A 185 -5.64 -0.49 -3.73
C ILE A 185 -5.94 0.86 -3.10
N GLU A 186 -6.11 1.86 -3.97
CA GLU A 186 -6.52 3.17 -3.45
C GLU A 186 -7.91 3.11 -2.85
N CYS A 187 -8.15 3.71 -1.68
CA CYS A 187 -9.52 3.57 -1.17
C CYS A 187 -9.73 4.68 -0.14
N HIS A 188 -10.79 5.45 -0.27
CA HIS A 188 -11.12 6.59 0.60
C HIS A 188 -12.56 7.00 0.33
N PRO A 189 -13.15 7.93 1.06
CA PRO A 189 -14.55 8.31 0.77
C PRO A 189 -14.83 8.78 -0.64
N TYR A 190 -13.84 9.25 -1.44
CA TYR A 190 -14.12 9.61 -2.83
C TYR A 190 -13.92 8.46 -3.82
N LEU A 191 -13.44 7.32 -3.34
CA LEU A 191 -13.14 6.15 -4.17
C LEU A 191 -13.38 4.96 -3.25
N THR A 192 -14.66 4.61 -3.08
CA THR A 192 -14.94 3.65 -2.01
C THR A 192 -14.73 2.17 -2.37
N GLN A 193 -14.58 1.84 -3.64
CA GLN A 193 -14.21 0.50 -4.08
C GLN A 193 -15.17 -0.58 -3.60
N GLU A 194 -16.49 -0.32 -3.61
CA GLU A 194 -17.38 -1.36 -3.07
C GLU A 194 -17.27 -2.67 -3.83
N LYS A 195 -17.24 -2.63 -5.16
CA LYS A 195 -17.29 -3.92 -5.88
C LYS A 195 -15.97 -4.66 -5.79
N LEU A 196 -14.85 -3.94 -5.88
CA LEU A 196 -13.59 -4.67 -5.82
C LEU A 196 -13.33 -5.19 -4.41
N ILE A 197 -13.70 -4.44 -3.36
CA ILE A 197 -13.57 -4.98 -1.98
C ILE A 197 -14.45 -6.20 -1.82
N GLN A 198 -15.70 -6.14 -2.32
CA GLN A 198 -16.53 -7.32 -2.16
C GLN A 198 -15.88 -8.55 -2.81
N TYR A 199 -15.36 -8.29 -4.02
CA TYR A 199 -14.77 -9.39 -4.79
C TYR A 199 -13.61 -9.96 -3.98
N CYS A 200 -12.68 -9.10 -3.60
CA CYS A 200 -11.48 -9.58 -2.91
C CYS A 200 -11.86 -10.29 -1.61
N GLN A 201 -12.70 -9.70 -0.79
CA GLN A 201 -13.04 -10.33 0.48
C GLN A 201 -13.73 -11.68 0.27
N SER A 202 -14.50 -11.83 -0.81
CA SER A 202 -15.21 -13.06 -1.13
C SER A 202 -14.22 -14.15 -1.60
N LYS A 203 -13.00 -13.77 -2.02
CA LYS A 203 -11.93 -14.72 -2.35
C LYS A 203 -10.90 -14.88 -1.25
N GLY A 204 -11.15 -14.33 -0.05
CA GLY A 204 -10.20 -14.50 1.05
C GLY A 204 -8.90 -13.75 0.82
N ILE A 205 -8.98 -12.67 0.07
CA ILE A 205 -7.85 -11.78 -0.16
C ILE A 205 -8.04 -10.53 0.69
N VAL A 206 -7.08 -10.17 1.52
CA VAL A 206 -7.23 -8.98 2.39
C VAL A 206 -6.95 -7.73 1.57
N VAL A 207 -7.75 -6.70 1.84
CA VAL A 207 -7.55 -5.46 1.07
C VAL A 207 -6.84 -4.42 1.92
N THR A 208 -5.80 -3.78 1.40
CA THR A 208 -5.16 -2.65 2.06
C THR A 208 -5.54 -1.40 1.29
N ALA A 209 -5.99 -0.40 2.03
CA ALA A 209 -6.44 0.88 1.50
C ALA A 209 -5.25 1.84 1.52
N TYR A 210 -4.82 2.32 0.35
CA TYR A 210 -3.80 3.37 0.29
C TYR A 210 -4.43 4.72 -0.01
N SER A 211 -3.62 5.76 0.19
CA SER A 211 -3.99 7.15 0.15
C SER A 211 -5.31 7.40 0.89
N PRO A 212 -5.40 6.96 2.12
CA PRO A 212 -6.71 7.09 2.81
C PRO A 212 -7.07 8.53 3.15
N LEU A 213 -6.08 9.42 3.16
CA LEU A 213 -6.27 10.85 3.43
C LEU A 213 -6.38 11.64 2.11
N GLY A 214 -6.37 10.92 0.98
CA GLY A 214 -6.49 11.62 -0.29
C GLY A 214 -5.14 12.18 -0.74
N SER A 215 -4.02 11.76 -0.13
CA SER A 215 -2.70 12.12 -0.65
C SER A 215 -2.57 13.58 -1.05
N PRO A 216 -2.76 14.49 -0.11
CA PRO A 216 -2.65 15.92 -0.44
C PRO A 216 -1.27 16.28 -0.98
N ASP A 217 -0.25 15.45 -0.72
CA ASP A 217 1.10 15.77 -1.17
C ASP A 217 1.47 15.11 -2.50
N ARG A 218 0.46 14.51 -3.13
CA ARG A 218 0.71 13.88 -4.44
C ARG A 218 1.27 14.91 -5.44
N PRO A 219 2.29 14.57 -6.22
CA PRO A 219 2.99 15.62 -6.99
C PRO A 219 2.19 16.22 -8.13
N TRP A 220 1.03 15.66 -8.50
CA TRP A 220 0.29 16.17 -9.65
C TRP A 220 -1.03 16.82 -9.23
N ALA A 221 -1.13 17.14 -7.95
CA ALA A 221 -2.30 17.80 -7.41
C ALA A 221 -2.67 19.07 -8.17
N LYS A 222 -3.95 19.32 -8.34
CA LYS A 222 -4.42 20.57 -8.94
C LYS A 222 -5.40 21.20 -7.94
N PRO A 223 -5.39 22.54 -7.91
CA PRO A 223 -6.19 23.24 -6.91
C PRO A 223 -7.66 22.87 -6.99
N GLU A 224 -8.14 22.57 -8.19
CA GLU A 224 -9.54 22.29 -8.40
C GLU A 224 -9.91 20.95 -7.79
N ASP A 225 -8.92 20.10 -7.49
CA ASP A 225 -9.23 18.74 -7.06
C ASP A 225 -9.92 18.72 -5.69
N PRO A 226 -10.76 17.70 -5.55
CA PRO A 226 -11.43 17.47 -4.28
C PRO A 226 -10.38 17.17 -3.21
N SER A 227 -10.61 17.67 -2.01
CA SER A 227 -9.73 17.55 -0.88
C SER A 227 -10.39 16.92 0.35
N LEU A 228 -10.07 15.65 0.63
CA LEU A 228 -10.73 14.98 1.74
C LEU A 228 -10.46 15.64 3.08
N LEU A 229 -9.21 15.99 3.35
CA LEU A 229 -8.94 16.49 4.70
C LEU A 229 -9.66 17.80 4.96
N GLU A 230 -9.98 18.55 3.88
CA GLU A 230 -10.60 19.88 3.97
CA GLU A 230 -10.62 19.85 4.15
C GLU A 230 -12.09 19.80 3.78
N ASP A 231 -12.63 18.61 3.54
CA ASP A 231 -14.08 18.46 3.29
C ASP A 231 -14.88 18.81 4.53
N PRO A 232 -15.69 19.85 4.51
CA PRO A 232 -16.44 20.25 5.72
C PRO A 232 -17.41 19.17 6.21
N ARG A 233 -17.88 18.29 5.35
CA ARG A 233 -18.81 17.23 5.80
C ARG A 233 -18.06 16.26 6.70
N ILE A 234 -16.83 15.97 6.29
CA ILE A 234 -16.03 15.00 7.07
C ILE A 234 -15.57 15.67 8.35
N LYS A 235 -15.21 16.94 8.26
CA LYS A 235 -14.84 17.69 9.47
C LYS A 235 -15.93 17.68 10.53
N ALA A 236 -17.16 17.74 10.03
CA ALA A 236 -18.32 17.75 10.95
C ALA A 236 -18.47 16.37 11.60
N ILE A 237 -18.26 15.28 10.90
CA ILE A 237 -18.26 13.97 11.59
C ILE A 237 -17.12 13.88 12.59
N ALA A 238 -15.94 14.36 12.25
CA ALA A 238 -14.81 14.41 13.16
C ALA A 238 -15.12 15.20 14.41
N ALA A 239 -15.68 16.40 14.28
CA ALA A 239 -15.95 17.21 15.47
C ALA A 239 -16.99 16.55 16.38
N LYS A 240 -17.96 15.85 15.80
CA LYS A 240 -18.93 15.08 16.58
C LYS A 240 -18.24 14.07 17.50
N HIS A 241 -17.13 13.49 17.04
CA HIS A 241 -16.44 12.48 17.85
C HIS A 241 -15.25 13.05 18.61
N ASN A 242 -15.03 14.36 18.55
CA ASN A 242 -13.85 15.03 19.12
CA ASN A 242 -13.86 15.00 19.16
C ASN A 242 -12.59 14.30 18.67
N LYS A 243 -12.53 14.04 17.35
CA LYS A 243 -11.38 13.42 16.71
C LYS A 243 -10.96 14.32 15.54
N THR A 244 -9.78 14.13 14.95
CA THR A 244 -9.50 14.93 13.75
C THR A 244 -10.06 14.28 12.50
N THR A 245 -10.15 15.04 11.42
CA THR A 245 -10.57 14.54 10.11
C THR A 245 -9.68 13.36 9.69
N ALA A 246 -8.37 13.48 9.89
CA ALA A 246 -7.48 12.33 9.58
C ALA A 246 -7.85 11.08 10.36
N GLN A 247 -8.19 11.25 11.64
CA GLN A 247 -8.55 10.07 12.41
C GLN A 247 -9.83 9.39 11.92
N VAL A 248 -10.82 10.21 11.54
CA VAL A 248 -12.01 9.63 10.94
C VAL A 248 -11.66 8.93 9.64
N LEU A 249 -10.77 9.51 8.81
CA LEU A 249 -10.45 8.91 7.52
C LEU A 249 -9.66 7.62 7.69
N ILE A 250 -8.95 7.43 8.81
CA ILE A 250 -8.21 6.18 9.07
C ILE A 250 -9.13 5.12 9.69
N ARG A 251 -10.01 5.58 10.61
CA ARG A 251 -10.99 4.66 11.21
C ARG A 251 -11.97 4.07 10.18
N PHE A 252 -12.33 4.89 9.18
CA PHE A 252 -13.33 4.47 8.20
C PHE A 252 -12.95 3.14 7.55
N PRO A 253 -11.78 2.97 6.90
CA PRO A 253 -11.48 1.66 6.32
C PRO A 253 -11.33 0.57 7.37
N MET A 254 -10.90 0.90 8.58
CA MET A 254 -10.74 -0.16 9.58
C MET A 254 -12.09 -0.84 9.83
N GLN A 255 -13.17 -0.03 9.77
CA GLN A 255 -14.51 -0.59 10.05
C GLN A 255 -15.12 -1.35 8.87
N ARG A 256 -14.38 -1.37 7.76
CA ARG A 256 -14.75 -2.16 6.59
C ARG A 256 -13.88 -3.41 6.45
N ASN A 257 -13.15 -3.76 7.50
CA ASN A 257 -12.26 -4.93 7.59
C ASN A 257 -11.12 -4.78 6.59
N LEU A 258 -10.70 -3.53 6.38
CA LEU A 258 -9.53 -3.22 5.57
C LEU A 258 -8.30 -2.95 6.46
N VAL A 259 -7.11 -3.14 5.88
CA VAL A 259 -5.86 -2.59 6.39
C VAL A 259 -5.70 -1.18 5.85
N VAL A 260 -5.09 -0.25 6.60
CA VAL A 260 -4.96 1.13 6.07
C VAL A 260 -3.55 1.63 6.42
N ILE A 261 -2.96 2.43 5.53
CA ILE A 261 -1.54 2.79 5.65
C ILE A 261 -1.35 4.26 5.43
N PRO A 262 -1.83 5.10 6.35
CA PRO A 262 -1.63 6.55 6.20
C PRO A 262 -0.16 6.89 6.29
N LYS A 263 0.26 7.88 5.50
CA LYS A 263 1.64 8.35 5.51
C LYS A 263 1.81 9.65 6.27
N SER A 264 2.83 9.76 7.08
CA SER A 264 3.24 11.09 7.57
C SER A 264 4.74 11.03 7.92
N VAL A 265 5.42 12.16 7.83
CA VAL A 265 6.76 12.30 8.38
C VAL A 265 6.80 13.34 9.51
N THR A 266 5.60 13.82 9.85
CA THR A 266 5.50 14.77 10.95
C THR A 266 5.24 14.08 12.29
N PRO A 267 6.18 14.10 13.23
CA PRO A 267 5.98 13.29 14.46
C PRO A 267 4.61 13.48 15.14
N GLU A 268 4.10 14.70 15.22
CA GLU A 268 2.79 14.95 15.83
C GLU A 268 1.69 14.16 15.17
N ARG A 269 1.71 14.15 13.83
CA ARG A 269 0.67 13.48 13.03
C ARG A 269 0.88 11.97 13.10
N ILE A 270 2.13 11.49 13.09
CA ILE A 270 2.33 10.04 13.19
C ILE A 270 1.65 9.51 14.44
N ALA A 271 1.86 10.21 15.55
CA ALA A 271 1.21 9.84 16.82
C ALA A 271 -0.31 10.00 16.73
N GLU A 272 -0.83 11.11 16.20
CA GLU A 272 -2.26 11.39 16.03
C GLU A 272 -2.92 10.24 15.26
N ASN A 273 -2.30 9.86 14.15
CA ASN A 273 -2.94 8.92 13.24
C ASN A 273 -3.10 7.53 13.81
N PHE A 274 -2.35 7.21 14.86
CA PHE A 274 -2.39 5.87 15.43
C PHE A 274 -3.49 5.80 16.50
N LYS A 275 -3.94 6.96 16.97
CA LYS A 275 -4.94 7.01 18.04
C LYS A 275 -6.36 6.89 17.50
N VAL A 276 -6.60 5.72 16.91
CA VAL A 276 -7.87 5.43 16.22
C VAL A 276 -8.48 4.15 16.74
N PHE A 277 -8.00 3.66 17.89
CA PHE A 277 -8.56 2.42 18.43
C PHE A 277 -9.44 2.70 19.64
N ASP A 278 -9.75 3.98 19.89
CA ASP A 278 -10.55 4.27 21.08
C ASP A 278 -11.90 4.89 20.73
N PHE A 279 -12.32 4.83 19.47
CA PHE A 279 -13.65 5.34 19.13
C PHE A 279 -14.20 4.52 17.97
N GLU A 280 -15.51 4.67 17.78
CA GLU A 280 -16.20 3.96 16.69
C GLU A 280 -17.06 4.91 15.87
N LEU A 281 -16.96 4.80 14.54
CA LEU A 281 -17.88 5.53 13.67
C LEU A 281 -19.24 4.80 13.71
N SER A 282 -20.34 5.54 13.78
CA SER A 282 -21.67 5.00 13.84
C SER A 282 -22.07 4.43 12.47
N SER A 283 -23.15 3.65 12.48
CA SER A 283 -23.68 3.15 11.22
C SER A 283 -23.99 4.32 10.28
N GLN A 284 -24.54 5.39 10.86
CA GLN A 284 -24.86 6.54 10.03
C GLN A 284 -23.60 7.19 9.49
N ASP A 285 -22.57 7.35 10.30
CA ASP A 285 -21.30 7.89 9.84
C ASP A 285 -20.75 7.06 8.67
N MET A 286 -20.79 5.73 8.79
CA MET A 286 -20.24 4.89 7.74
C MET A 286 -21.03 5.07 6.44
N THR A 287 -22.35 5.06 6.57
CA THR A 287 -23.21 5.24 5.40
C THR A 287 -22.93 6.59 4.76
N THR A 288 -22.79 7.62 5.61
CA THR A 288 -22.53 8.99 5.12
C THR A 288 -21.23 9.04 4.32
N LEU A 289 -20.19 8.44 4.90
CA LEU A 289 -18.86 8.49 4.27
C LEU A 289 -18.90 7.70 2.97
N LEU A 290 -19.58 6.55 2.94
CA LEU A 290 -19.61 5.77 1.70
C LEU A 290 -20.34 6.57 0.63
N SER A 291 -21.30 7.42 1.06
CA SER A 291 -22.11 8.16 0.10
C SER A 291 -21.28 9.18 -0.67
N TYR A 292 -20.04 9.44 -0.23
CA TYR A 292 -19.28 10.55 -0.86
C TYR A 292 -18.51 10.04 -2.05
N ASN A 293 -18.70 8.77 -2.42
CA ASN A 293 -17.92 8.24 -3.54
C ASN A 293 -18.12 9.04 -4.82
N ARG A 294 -17.03 9.27 -5.54
CA ARG A 294 -17.12 9.89 -6.85
C ARG A 294 -16.18 9.21 -7.84
N ASN A 295 -15.60 8.10 -7.42
CA ASN A 295 -14.71 7.36 -8.35
C ASN A 295 -13.54 8.25 -8.76
N TRP A 296 -13.03 9.04 -7.82
CA TRP A 296 -11.90 9.94 -8.00
C TRP A 296 -10.57 9.34 -7.55
N ARG A 297 -9.59 9.21 -8.44
CA ARG A 297 -8.33 8.57 -8.12
C ARG A 297 -7.16 9.54 -8.03
N VAL A 298 -6.40 9.42 -6.94
CA VAL A 298 -5.07 9.99 -6.75
C VAL A 298 -4.07 9.36 -7.73
N CYS A 299 -4.15 8.03 -7.85
CA CYS A 299 -3.12 7.31 -8.59
C CYS A 299 -3.68 6.59 -9.80
N ALA A 300 -3.46 7.29 -10.93
CA ALA A 300 -3.81 6.80 -12.27
C ALA A 300 -2.95 7.52 -13.27
N LEU A 301 -1.88 6.97 -13.83
CA LEU A 301 -1.10 7.88 -14.72
C LEU A 301 -1.62 7.85 -16.14
N LEU A 302 -1.90 9.04 -16.69
CA LEU A 302 -2.33 9.12 -18.08
C LEU A 302 -1.33 8.44 -18.99
N SER A 303 -0.05 8.45 -18.62
CA SER A 303 1.00 7.90 -19.47
C SER A 303 0.96 6.38 -19.64
N CYS A 304 0.13 5.69 -18.85
CA CYS A 304 0.07 4.24 -18.93
C CYS A 304 -1.26 3.74 -19.48
N THR A 305 -2.12 4.67 -19.91
CA THR A 305 -3.48 4.27 -20.26
C THR A 305 -3.54 3.41 -21.52
N SER A 306 -2.48 3.28 -22.34
CA SER A 306 -2.58 2.37 -23.49
C SER A 306 -1.83 1.07 -23.21
N HIS A 307 -1.29 0.92 -22.00
CA HIS A 307 -0.61 -0.35 -21.66
C HIS A 307 -1.62 -1.48 -21.69
N LYS A 308 -1.20 -2.68 -22.18
CA LYS A 308 -2.18 -3.75 -22.32
C LYS A 308 -2.79 -4.10 -20.94
N ASP A 309 -1.98 -3.87 -19.91
CA ASP A 309 -2.44 -4.29 -18.57
C ASP A 309 -2.89 -3.13 -17.69
N TYR A 310 -3.16 -1.95 -18.31
CA TYR A 310 -3.66 -0.83 -17.53
C TYR A 310 -4.90 -1.25 -16.76
N PRO A 311 -4.89 -1.06 -15.44
CA PRO A 311 -5.97 -1.68 -14.65
C PRO A 311 -7.33 -0.98 -14.61
N PHE A 312 -7.39 0.28 -15.03
CA PHE A 312 -8.59 1.05 -14.66
C PHE A 312 -9.49 1.32 -15.85
N HIS A 313 -9.35 0.58 -16.96
CA HIS A 313 -10.40 0.63 -17.97
C HIS A 313 -11.63 -0.14 -17.48
N GLU A 314 -11.43 -1.27 -16.78
CA GLU A 314 -12.51 -2.08 -16.23
C GLU A 314 -13.33 -1.27 -15.21
N GLU A 315 -14.62 -1.60 -15.08
CA GLU A 315 -15.38 -0.96 -14.01
C GLU A 315 -14.76 -1.25 -12.65
N PHE A 316 -14.30 -2.49 -12.40
CA PHE A 316 -13.66 -2.75 -11.12
C PHE A 316 -12.77 -3.99 -11.28
PA NAP B . -2.09 9.74 2.43
O1A NAP B . -3.51 9.69 1.99
O2A NAP B . -1.60 8.81 3.47
O5B NAP B . -1.79 11.25 2.74
C5B NAP B . -0.47 11.62 3.13
C4B NAP B . -0.44 13.17 3.25
O4B NAP B . -1.25 13.53 4.35
C3B NAP B . 0.97 13.78 3.53
O3B NAP B . 1.05 15.00 2.83
C2B NAP B . 0.89 13.98 5.05
O2B NAP B . 1.76 15.06 5.42
C1B NAP B . -0.58 14.31 5.28
N9A NAP B . -0.97 13.98 6.62
C8A NAP B . -0.76 12.83 7.37
N7A NAP B . -1.37 12.79 8.53
C5A NAP B . -2.06 13.98 8.58
C6A NAP B . -2.87 14.46 9.65
N6A NAP B . -3.15 13.85 10.78
N1A NAP B . -3.42 15.76 9.42
C2A NAP B . -3.15 16.41 8.22
N3A NAP B . -2.35 15.96 7.21
C4A NAP B . -1.80 14.70 7.42
O3 NAP B . -1.23 9.59 1.10
PN NAP B . -0.27 8.51 0.37
O1N NAP B . 1.12 8.64 0.84
O2N NAP B . -0.62 8.65 -1.11
O5D NAP B . -0.86 7.07 0.78
C5D NAP B . -0.44 6.37 2.02
C4D NAP B . 0.61 5.32 1.66
O4D NAP B . 0.00 4.34 0.75
C3D NAP B . 1.83 5.80 0.84
O3D NAP B . 2.80 6.54 1.56
C2D NAP B . 2.34 4.41 0.35
O2D NAP B . 2.99 3.77 1.41
C1D NAP B . 1.05 3.69 -0.02
N1N NAP B . 0.65 3.88 -1.48
C2N NAP B . 0.77 2.75 -2.28
C3N NAP B . 0.48 2.95 -3.66
C7N NAP B . 0.57 1.74 -4.61
O7N NAP B . 0.41 2.00 -5.80
N7N NAP B . 0.43 0.59 -3.94
C4N NAP B . 0.09 4.22 -4.17
C5N NAP B . -0.01 5.33 -3.30
C6N NAP B . 0.26 5.16 -1.95
P2B NAP B . 3.16 14.92 6.24
O1X NAP B . 2.78 14.99 7.75
O2X NAP B . 3.77 13.61 5.86
O3X NAP B . 3.91 16.14 5.73
C5 53N C . 0.35 4.19 -12.40
C6 53N C . 1.52 4.22 -11.65
C7 53N C . 1.67 5.20 -10.50
C10 53N C . 3.05 6.69 -7.08
C15 53N C . 1.27 6.86 -8.90
C17 53N C . 2.55 3.31 -11.97
C1 53N C . 0.21 3.27 -13.46
N2 53N C . -1.01 3.19 -14.13
O3 53N C . -1.21 2.23 -14.90
O4 53N C . -1.77 4.14 -13.83
S8 53N C . 2.99 4.97 -9.30
C9 53N C . 2.34 6.32 -8.34
C11 53N C . 2.72 5.93 -5.79
C12 53N C . 3.45 4.61 -5.78
O13 53N C . 3.08 3.71 -4.89
O14 53N C . 4.36 4.43 -6.59
C16 53N C . 0.85 6.22 -10.16
C18 53N C . 2.38 2.42 -13.01
C19 53N C . 1.22 2.35 -13.78
#